data_3QEJ
#
_entry.id   3QEJ
#
_cell.length_a   68.430
_cell.length_b   68.430
_cell.length_c   120.370
_cell.angle_alpha   90.00
_cell.angle_beta   90.00
_cell.angle_gamma   90.00
#
_symmetry.space_group_name_H-M   'P 41'
#
loop_
_entity.id
_entity.type
_entity.pdbx_description
1 polymer 'Deoxycytidine kinase'
2 non-polymer "URIDINE-5'-DIPHOSPHATE"
3 water water
#
_entity_poly.entity_id   1
_entity_poly.type   'polypeptide(L)'
_entity_poly.pdbx_seq_one_letter_code
;MGSSHHHHHHSGLVPRGSHMATPPKRSSPSFSASSEGTRIKKISIEGNIAAGKSTFVNILKQLSEDWEVVPEPVARWSNV
QSTQDEFEELTMEQKNGGNVLQMMYEKPERWSFTFQTYACLSRIRAQLASLNGKLKDAEKPVLFFERSVYSDRYIFASNL
YESESMNETEWTIYQDWHDWMNNQFGQSLELDGIIYLQATPETCLHRIYLRGRNEEQGIPLEYLEKLHYKHESWLLHRTL
KTNFDYLQEVPILTLDVNEDFKDKYESLVEKVKEFLSTL
;
_entity_poly.pdbx_strand_id   A,B
#
loop_
_chem_comp.id
_chem_comp.type
_chem_comp.name
_chem_comp.formula
UDP RNA linking URIDINE-5'-DIPHOSPHATE 'C9 H14 N2 O12 P2'
#
# COMPACT_ATOMS: atom_id res chain seq x y z
N THR A 38 -11.99 17.24 -10.79
CA THR A 38 -11.77 16.77 -12.20
C THR A 38 -12.93 17.15 -13.13
N ARG A 39 -12.59 17.53 -14.36
CA ARG A 39 -13.58 17.82 -15.42
C ARG A 39 -13.61 16.69 -16.47
N ILE A 40 -12.76 15.70 -16.26
CA ILE A 40 -12.70 14.51 -17.09
C ILE A 40 -13.70 13.51 -16.51
N LYS A 41 -14.50 12.87 -17.36
CA LYS A 41 -15.43 11.84 -16.90
C LYS A 41 -14.71 10.50 -16.87
N LYS A 42 -14.81 9.81 -15.74
CA LYS A 42 -14.19 8.51 -15.58
C LYS A 42 -15.24 7.42 -15.50
N ILE A 43 -15.17 6.53 -16.48
CA ILE A 43 -16.05 5.40 -16.57
C ILE A 43 -15.18 4.16 -16.49
N SER A 44 -15.57 3.23 -15.62
CA SER A 44 -14.93 1.93 -15.65
C SER A 44 -15.73 0.98 -16.50
N ILE A 45 -15.04 0.08 -17.18
CA ILE A 45 -15.69 -1.02 -17.85
C ILE A 45 -15.44 -2.29 -17.04
N GLU A 46 -16.54 -2.90 -16.58
CA GLU A 46 -16.49 -4.07 -15.72
C GLU A 46 -17.00 -5.32 -16.42
N GLY A 47 -16.75 -6.48 -15.81
CA GLY A 47 -17.18 -7.73 -16.40
C GLY A 47 -16.26 -8.93 -16.30
N ASN A 48 -16.84 -10.08 -16.56
CA ASN A 48 -16.18 -11.34 -16.31
C ASN A 48 -14.90 -11.51 -17.13
N ILE A 49 -14.06 -12.44 -16.70
CA ILE A 49 -12.86 -12.75 -17.46
C ILE A 49 -13.29 -13.12 -18.87
N ALA A 50 -12.63 -12.54 -19.87
CA ALA A 50 -12.90 -12.89 -21.25
C ALA A 50 -14.26 -12.40 -21.80
N ALA A 51 -14.98 -11.60 -21.04
CA ALA A 51 -16.25 -11.04 -21.52
C ALA A 51 -16.12 -10.14 -22.76
N GLY A 52 -15.00 -9.44 -22.90
CA GLY A 52 -14.80 -8.58 -24.06
C GLY A 52 -14.30 -7.20 -23.76
N LYS A 53 -13.85 -6.99 -22.52
CA LYS A 53 -13.55 -5.66 -22.03
C LYS A 53 -12.45 -5.04 -22.83
N SER A 54 -11.32 -5.75 -22.95
CA SER A 54 -10.15 -5.30 -23.71
C SER A 54 -10.54 -4.93 -25.15
N THR A 55 -11.28 -5.83 -25.80
CA THR A 55 -11.80 -5.60 -27.15
C THR A 55 -12.65 -4.34 -27.24
N PHE A 56 -13.57 -4.17 -26.30
CA PHE A 56 -14.47 -3.05 -26.33
C PHE A 56 -13.72 -1.76 -26.00
N VAL A 57 -12.83 -1.85 -25.03
CA VAL A 57 -12.06 -0.67 -24.66
C VAL A 57 -11.17 -0.11 -25.80
N ASN A 58 -10.60 -1.00 -26.62
CA ASN A 58 -9.79 -0.60 -27.78
C ASN A 58 -10.60 -0.14 -28.99
N ILE A 59 -11.80 -0.70 -29.12
CA ILE A 59 -12.79 -0.10 -30.02
C ILE A 59 -13.05 1.38 -29.64
N LEU A 60 -13.37 1.64 -28.37
CA LEU A 60 -13.75 3.00 -27.93
C LEU A 60 -12.64 3.99 -28.21
N LYS A 61 -11.46 3.69 -27.70
CA LYS A 61 -10.26 4.52 -27.95
C LYS A 61 -10.30 5.28 -29.27
N GLN A 62 -10.59 4.54 -30.34
CA GLN A 62 -10.38 5.01 -31.69
C GLN A 62 -11.49 5.89 -32.24
N LEU A 63 -12.62 5.93 -31.54
CA LEU A 63 -13.81 6.58 -32.06
C LEU A 63 -13.81 8.04 -31.75
N SER A 64 -12.89 8.48 -30.92
CA SER A 64 -12.86 9.88 -30.53
C SER A 64 -11.53 10.25 -29.94
N GLU A 65 -11.17 11.51 -30.13
CA GLU A 65 -9.93 12.13 -29.64
C GLU A 65 -10.14 12.60 -28.23
N ASP A 66 -11.43 12.74 -27.90
CA ASP A 66 -11.86 13.05 -26.54
C ASP A 66 -11.95 11.76 -25.67
N TRP A 67 -11.76 10.59 -26.29
CA TRP A 67 -11.93 9.34 -25.58
C TRP A 67 -10.60 8.69 -25.36
N GLU A 68 -10.33 8.30 -24.11
CA GLU A 68 -9.03 7.77 -23.74
C GLU A 68 -9.13 6.58 -22.78
N VAL A 69 -8.16 5.67 -22.86
CA VAL A 69 -8.23 4.42 -22.13
C VAL A 69 -7.07 4.20 -21.16
N VAL A 70 -7.39 3.63 -19.99
CA VAL A 70 -6.37 3.06 -19.09
C VAL A 70 -6.50 1.54 -19.06
N PRO A 71 -5.66 0.82 -19.84
CA PRO A 71 -5.71 -0.64 -19.83
C PRO A 71 -5.35 -1.17 -18.46
N GLU A 72 -5.91 -2.32 -18.11
CA GLU A 72 -5.66 -2.95 -16.83
C GLU A 72 -4.18 -3.37 -16.71
N PRO A 73 -3.48 -2.91 -15.64
CA PRO A 73 -2.05 -3.17 -15.54
C PRO A 73 -1.69 -4.65 -15.63
N VAL A 74 -2.51 -5.50 -15.01
CA VAL A 74 -2.26 -6.93 -14.99
C VAL A 74 -2.35 -7.51 -16.38
N ALA A 75 -3.23 -6.94 -17.23
CA ALA A 75 -3.32 -7.29 -18.65
C ALA A 75 -1.94 -7.19 -19.29
N ARG A 76 -1.30 -6.02 -19.16
CA ARG A 76 0.07 -5.80 -19.62
C ARG A 76 0.97 -6.98 -19.25
N TRP A 77 1.04 -7.30 -17.96
CA TRP A 77 1.93 -8.34 -17.42
C TRP A 77 1.85 -9.71 -18.12
N SER A 78 0.63 -10.09 -18.53
CA SER A 78 0.37 -11.46 -19.01
C SER A 78 1.35 -11.98 -20.08
N ASN A 79 1.33 -11.33 -21.25
CA ASN A 79 2.09 -11.77 -22.44
C ASN A 79 3.60 -12.06 -22.25
N VAL A 80 4.13 -12.82 -23.21
CA VAL A 80 5.51 -13.27 -23.25
C VAL A 80 6.46 -12.11 -23.52
N GLU A 89 11.44 -3.07 -24.30
CA GLU A 89 10.52 -3.84 -23.47
C GLU A 89 11.28 -4.53 -22.34
N LEU A 90 11.23 -3.93 -21.16
CA LEU A 90 11.96 -4.46 -19.99
C LEU A 90 11.07 -4.32 -18.75
N THR A 91 10.85 -3.06 -18.39
CA THR A 91 10.11 -2.54 -17.20
C THR A 91 10.00 -3.33 -15.87
N MET A 92 10.34 -2.62 -14.80
CA MET A 92 10.34 -3.18 -13.46
C MET A 92 8.95 -3.62 -12.99
N GLU A 93 7.92 -2.82 -13.28
CA GLU A 93 6.57 -3.23 -12.88
C GLU A 93 6.24 -4.55 -13.56
N GLN A 94 6.66 -4.64 -14.82
CA GLN A 94 6.34 -5.80 -15.65
C GLN A 94 7.12 -7.03 -15.26
N LYS A 95 8.37 -6.84 -14.85
CA LYS A 95 9.16 -7.93 -14.31
C LYS A 95 8.53 -8.47 -13.01
N ASN A 96 8.20 -7.55 -12.10
CA ASN A 96 7.46 -7.87 -10.87
C ASN A 96 6.12 -8.52 -11.20
N GLY A 97 5.32 -7.83 -12.00
CA GLY A 97 4.00 -8.31 -12.39
C GLY A 97 4.01 -9.71 -13.00
N GLY A 98 4.91 -9.92 -13.97
CA GLY A 98 5.10 -11.23 -14.59
C GLY A 98 5.34 -12.29 -13.54
N ASN A 99 6.29 -12.02 -12.64
CA ASN A 99 6.70 -12.97 -11.62
C ASN A 99 5.58 -13.33 -10.67
N VAL A 100 4.93 -12.30 -10.11
CA VAL A 100 3.90 -12.55 -9.11
C VAL A 100 2.66 -13.20 -9.74
N LEU A 101 2.40 -12.84 -10.99
CA LEU A 101 1.29 -13.45 -11.74
C LEU A 101 1.44 -14.95 -11.94
N GLN A 102 2.66 -15.36 -12.26
CA GLN A 102 2.96 -16.77 -12.47
C GLN A 102 3.01 -17.52 -11.14
N MET A 103 3.54 -16.86 -10.10
CA MET A 103 3.55 -17.44 -8.75
C MET A 103 2.11 -17.62 -8.29
N MET A 104 1.25 -16.68 -8.67
CA MET A 104 -0.19 -16.78 -8.42
C MET A 104 -0.79 -18.05 -8.98
N TYR A 105 -0.52 -18.33 -10.26
CA TYR A 105 -1.01 -19.56 -10.88
C TYR A 105 -0.46 -20.80 -10.19
N GLU A 106 0.77 -20.70 -9.70
CA GLU A 106 1.39 -21.84 -9.03
C GLU A 106 0.94 -22.07 -7.59
N LYS A 107 0.58 -20.99 -6.89
CA LYS A 107 0.30 -21.06 -5.44
C LYS A 107 -0.45 -19.82 -4.96
N PRO A 108 -1.77 -19.74 -5.25
CA PRO A 108 -2.56 -18.57 -4.86
C PRO A 108 -2.61 -18.27 -3.35
N GLU A 109 -2.44 -19.28 -2.52
CA GLU A 109 -2.63 -19.13 -1.06
C GLU A 109 -1.39 -18.53 -0.41
N ARG A 110 -0.33 -18.39 -1.21
CA ARG A 110 0.91 -17.79 -0.80
C ARG A 110 1.09 -16.41 -1.47
N TRP A 111 0.46 -16.21 -2.63
CA TRP A 111 0.69 -14.96 -3.40
C TRP A 111 -0.52 -14.08 -3.67
N SER A 112 -1.69 -14.43 -3.15
CA SER A 112 -2.89 -13.62 -3.44
C SER A 112 -2.75 -12.22 -2.87
N PHE A 113 -2.28 -12.13 -1.63
CA PHE A 113 -2.19 -10.83 -0.97
C PHE A 113 -1.16 -9.94 -1.68
N THR A 114 -0.04 -10.51 -2.07
CA THR A 114 1.00 -9.76 -2.74
C THR A 114 0.56 -9.38 -4.14
N PHE A 115 -0.06 -10.32 -4.84
CA PHE A 115 -0.53 -10.02 -6.18
C PHE A 115 -1.59 -8.91 -6.17
N GLN A 116 -2.57 -9.04 -5.30
CA GLN A 116 -3.69 -8.15 -5.27
C GLN A 116 -3.25 -6.77 -4.75
N THR A 117 -2.30 -6.73 -3.82
CA THR A 117 -1.75 -5.43 -3.39
C THR A 117 -1.08 -4.67 -4.53
N TYR A 118 -0.27 -5.37 -5.30
CA TYR A 118 0.49 -4.79 -6.40
C TYR A 118 -0.39 -4.50 -7.62
N ALA A 119 -1.28 -5.43 -7.94
CA ALA A 119 -2.22 -5.25 -9.05
C ALA A 119 -2.98 -3.97 -8.82
N CYS A 120 -3.38 -3.75 -7.57
CA CYS A 120 -4.13 -2.55 -7.20
C CYS A 120 -3.31 -1.26 -7.30
N LEU A 121 -2.17 -1.18 -6.63
CA LEU A 121 -1.28 -0.01 -6.72
C LEU A 121 -0.99 0.39 -8.16
N SER A 122 -0.68 -0.60 -8.96
CA SER A 122 -0.41 -0.42 -10.37
C SER A 122 -1.56 0.25 -11.11
N ARG A 123 -2.78 -0.12 -10.72
CA ARG A 123 -4.00 0.42 -11.28
C ARG A 123 -4.12 1.87 -10.89
N ILE A 124 -4.00 2.12 -9.59
CA ILE A 124 -4.15 3.49 -9.06
C ILE A 124 -3.15 4.45 -9.72
N ARG A 125 -1.90 4.00 -9.88
CA ARG A 125 -0.92 4.89 -10.43
C ARG A 125 -1.08 5.05 -11.94
N ALA A 126 -1.48 3.98 -12.64
CA ALA A 126 -1.74 4.09 -14.07
C ALA A 126 -2.92 5.04 -14.31
N GLN A 127 -4.00 4.90 -13.54
CA GLN A 127 -5.16 5.80 -13.70
C GLN A 127 -4.86 7.26 -13.35
N LEU A 128 -4.15 7.51 -12.24
CA LEU A 128 -3.61 8.86 -11.95
C LEU A 128 -2.78 9.45 -13.10
N ALA A 129 -1.89 8.65 -13.65
CA ALA A 129 -0.99 9.08 -14.72
C ALA A 129 -1.79 9.63 -15.89
N SER A 130 -2.86 8.92 -16.26
CA SER A 130 -3.72 9.34 -17.37
C SER A 130 -4.61 10.52 -17.00
N LEU A 131 -5.13 10.49 -15.79
CA LEU A 131 -6.01 11.55 -15.33
C LEU A 131 -5.29 12.88 -15.43
N ASN A 132 -3.99 12.83 -15.18
CA ASN A 132 -3.16 14.04 -15.07
C ASN A 132 -2.38 14.41 -16.33
N GLY A 133 -2.37 13.54 -17.32
CA GLY A 133 -1.50 13.72 -18.48
C GLY A 133 -2.20 13.58 -19.81
N LYS A 134 -3.51 13.42 -19.74
CA LYS A 134 -4.28 13.20 -20.97
C LYS A 134 -5.50 14.09 -21.01
N LEU A 135 -6.07 14.22 -22.22
CA LEU A 135 -7.34 14.91 -22.42
C LEU A 135 -7.38 16.32 -21.84
N LYS A 136 -6.31 17.06 -22.01
CA LYS A 136 -6.27 18.42 -21.46
C LYS A 136 -6.93 19.42 -22.40
N ASP A 137 -6.71 19.26 -23.70
CA ASP A 137 -7.34 20.12 -24.73
C ASP A 137 -8.73 19.61 -25.17
N ALA A 138 -9.21 18.50 -24.62
CA ALA A 138 -10.48 17.93 -25.09
C ALA A 138 -11.70 18.63 -24.47
N GLU A 139 -12.72 18.86 -25.29
CA GLU A 139 -13.91 19.59 -24.87
C GLU A 139 -14.91 18.70 -24.14
N LYS A 140 -15.09 17.47 -24.62
CA LYS A 140 -15.84 16.43 -23.89
C LYS A 140 -14.94 15.27 -23.44
N PRO A 141 -14.11 15.47 -22.39
CA PRO A 141 -13.14 14.41 -22.08
C PRO A 141 -13.72 13.21 -21.30
N VAL A 142 -13.59 12.02 -21.89
CA VAL A 142 -13.89 10.79 -21.18
C VAL A 142 -12.69 9.84 -21.06
N LEU A 143 -12.47 9.37 -19.83
CA LEU A 143 -11.48 8.36 -19.54
C LEU A 143 -12.14 7.01 -19.21
N PHE A 144 -11.85 6.01 -20.05
CA PHE A 144 -12.36 4.67 -19.84
C PHE A 144 -11.35 3.82 -19.12
N PHE A 145 -11.70 3.39 -17.90
CA PHE A 145 -10.85 2.51 -17.11
C PHE A 145 -11.22 1.08 -17.39
N GLU A 146 -10.28 0.27 -17.83
CA GLU A 146 -10.56 -1.16 -17.85
C GLU A 146 -10.56 -1.69 -16.44
N ARG A 147 -11.75 -1.95 -15.91
CA ARG A 147 -11.93 -2.46 -14.55
C ARG A 147 -11.58 -1.37 -13.56
N SER A 148 -11.68 -1.64 -12.27
CA SER A 148 -11.40 -0.60 -11.28
C SER A 148 -10.87 -1.15 -9.95
N VAL A 149 -10.62 -0.24 -9.02
CA VAL A 149 -10.18 -0.61 -7.69
C VAL A 149 -11.31 -1.31 -6.93
N TYR A 150 -12.53 -1.17 -7.43
CA TYR A 150 -13.70 -1.77 -6.79
C TYR A 150 -13.82 -3.23 -7.18
N SER A 151 -13.59 -3.54 -8.44
CA SER A 151 -13.57 -4.94 -8.84
C SER A 151 -12.30 -5.65 -8.33
N ASP A 152 -11.23 -4.89 -8.11
CA ASP A 152 -10.02 -5.43 -7.48
C ASP A 152 -10.34 -6.06 -6.13
N ARG A 153 -11.01 -5.27 -5.29
CA ARG A 153 -11.39 -5.67 -3.96
C ARG A 153 -12.60 -6.59 -3.95
N TYR A 154 -13.72 -6.11 -4.50
CA TYR A 154 -15.04 -6.74 -4.27
C TYR A 154 -15.37 -7.94 -5.15
N ILE A 155 -14.58 -8.14 -6.19
CA ILE A 155 -14.75 -9.31 -7.04
C ILE A 155 -13.54 -10.23 -6.83
N PHE A 156 -12.36 -9.73 -7.19
CA PHE A 156 -11.17 -10.58 -7.24
C PHE A 156 -10.53 -10.92 -5.88
N ALA A 157 -10.27 -9.91 -5.07
CA ALA A 157 -9.73 -10.14 -3.73
C ALA A 157 -10.75 -10.89 -2.84
N SER A 158 -11.99 -10.41 -2.83
CA SER A 158 -13.06 -11.11 -2.14
C SER A 158 -13.10 -12.60 -2.54
N ASN A 159 -13.17 -12.90 -3.84
CA ASN A 159 -13.12 -14.29 -4.29
C ASN A 159 -11.99 -15.05 -3.63
N LEU A 160 -10.77 -14.51 -3.72
CA LEU A 160 -9.55 -15.16 -3.20
C LEU A 160 -9.64 -15.44 -1.70
N TYR A 161 -10.27 -14.53 -0.98
CA TYR A 161 -10.50 -14.74 0.41
C TYR A 161 -11.54 -15.85 0.60
N GLU A 162 -12.61 -15.82 -0.18
CA GLU A 162 -13.63 -16.88 -0.15
C GLU A 162 -13.10 -18.24 -0.57
N SER A 163 -12.03 -18.24 -1.38
CA SER A 163 -11.33 -19.50 -1.70
C SER A 163 -10.26 -19.85 -0.67
N GLU A 164 -10.14 -19.03 0.37
CA GLU A 164 -9.10 -19.23 1.38
C GLU A 164 -7.66 -19.13 0.82
N SER A 165 -7.49 -18.42 -0.30
CA SER A 165 -6.14 -18.04 -0.71
C SER A 165 -5.60 -16.84 0.07
N MET A 166 -6.50 -16.16 0.75
CA MET A 166 -6.15 -15.12 1.71
C MET A 166 -6.81 -15.52 3.02
N ASN A 167 -6.04 -15.56 4.10
CA ASN A 167 -6.61 -15.78 5.41
C ASN A 167 -7.23 -14.47 5.96
N GLU A 168 -7.89 -14.57 7.11
CA GLU A 168 -8.51 -13.41 7.69
C GLU A 168 -7.63 -12.17 7.92
N THR A 169 -6.36 -12.39 8.26
CA THR A 169 -5.45 -11.27 8.50
C THR A 169 -5.11 -10.59 7.18
N GLU A 170 -4.64 -11.34 6.20
CA GLU A 170 -4.39 -10.81 4.87
C GLU A 170 -5.60 -10.07 4.31
N TRP A 171 -6.78 -10.67 4.44
CA TRP A 171 -8.01 -10.04 3.92
C TRP A 171 -8.34 -8.74 4.65
N THR A 172 -8.17 -8.74 5.96
CA THR A 172 -8.42 -7.53 6.74
C THR A 172 -7.37 -6.45 6.48
N ILE A 173 -6.12 -6.86 6.32
CA ILE A 173 -5.03 -5.95 6.01
C ILE A 173 -5.25 -5.33 4.65
N TYR A 174 -5.69 -6.17 3.70
CA TYR A 174 -5.93 -5.74 2.34
C TYR A 174 -7.05 -4.70 2.27
N GLN A 175 -8.20 -4.97 2.86
CA GLN A 175 -9.31 -4.02 2.76
C GLN A 175 -8.99 -2.71 3.43
N ASP A 176 -8.20 -2.77 4.49
CA ASP A 176 -7.77 -1.60 5.25
C ASP A 176 -6.82 -0.77 4.40
N TRP A 177 -5.79 -1.41 3.86
CA TRP A 177 -4.88 -0.77 2.95
C TRP A 177 -5.68 -0.19 1.79
N HIS A 178 -6.61 -0.98 1.25
CA HIS A 178 -7.43 -0.54 0.11
C HIS A 178 -8.23 0.67 0.53
N ASP A 179 -8.93 0.55 1.65
CA ASP A 179 -9.69 1.67 2.23
C ASP A 179 -8.81 2.91 2.25
N TRP A 180 -7.65 2.80 2.89
CA TRP A 180 -6.74 3.92 3.09
C TRP A 180 -6.16 4.45 1.75
N MET A 181 -5.54 3.56 0.98
CA MET A 181 -5.02 3.92 -0.36
C MET A 181 -5.99 4.81 -1.14
N ASN A 182 -7.27 4.42 -1.15
CA ASN A 182 -8.31 5.13 -1.91
C ASN A 182 -8.92 6.32 -1.21
N ASN A 183 -8.99 6.27 0.12
CA ASN A 183 -9.39 7.44 0.93
C ASN A 183 -8.51 8.66 0.58
N GLN A 184 -7.22 8.42 0.39
CA GLN A 184 -6.30 9.48 0.06
C GLN A 184 -6.29 9.72 -1.47
N PHE A 185 -5.91 8.69 -2.23
CA PHE A 185 -5.65 8.85 -3.68
C PHE A 185 -6.81 8.70 -4.62
N GLY A 186 -7.89 8.06 -4.18
CA GLY A 186 -9.01 7.75 -5.08
C GLY A 186 -9.83 8.95 -5.50
N GLN A 187 -9.71 10.03 -4.72
CA GLN A 187 -10.55 11.21 -4.82
C GLN A 187 -10.77 11.73 -6.26
N SER A 188 -9.70 11.74 -7.04
CA SER A 188 -9.78 12.09 -8.46
C SER A 188 -10.12 10.89 -9.34
N LEU A 189 -10.33 9.75 -8.69
CA LEU A 189 -10.60 8.51 -9.39
C LEU A 189 -12.06 8.08 -9.25
N GLU A 190 -12.77 8.66 -8.30
CA GLU A 190 -14.19 8.33 -8.16
C GLU A 190 -14.87 8.32 -9.52
N LEU A 191 -15.53 7.20 -9.79
CA LEU A 191 -16.17 6.94 -11.07
C LEU A 191 -17.47 7.73 -11.26
N ASP A 192 -17.64 8.29 -12.45
CA ASP A 192 -18.91 8.91 -12.89
C ASP A 192 -19.93 7.88 -13.40
N GLY A 193 -19.46 6.69 -13.72
CA GLY A 193 -20.34 5.71 -14.33
C GLY A 193 -19.59 4.43 -14.57
N ILE A 194 -20.35 3.36 -14.74
CA ILE A 194 -19.82 2.04 -14.95
C ILE A 194 -20.53 1.44 -16.13
N ILE A 195 -19.77 0.80 -17.02
CA ILE A 195 -20.39 0.03 -18.07
C ILE A 195 -20.17 -1.41 -17.71
N TYR A 196 -21.25 -2.19 -17.74
CA TYR A 196 -21.19 -3.61 -17.42
C TYR A 196 -21.34 -4.46 -18.68
N LEU A 197 -20.24 -5.04 -19.14
CA LEU A 197 -20.29 -5.97 -20.25
C LEU A 197 -20.69 -7.37 -19.72
N GLN A 198 -21.94 -7.73 -19.99
CA GLN A 198 -22.59 -8.90 -19.44
C GLN A 198 -22.60 -10.05 -20.45
N ALA A 199 -21.99 -11.15 -20.01
CA ALA A 199 -21.86 -12.35 -20.79
C ALA A 199 -22.10 -13.54 -19.86
N THR A 200 -22.75 -14.56 -20.38
CA THR A 200 -22.87 -15.83 -19.64
C THR A 200 -21.49 -16.47 -19.50
N PRO A 201 -21.29 -17.26 -18.43
CA PRO A 201 -19.98 -17.91 -18.23
C PRO A 201 -19.56 -18.80 -19.42
N GLU A 202 -20.52 -19.48 -20.04
CA GLU A 202 -20.27 -20.26 -21.26
C GLU A 202 -19.56 -19.39 -22.28
N THR A 203 -20.24 -18.31 -22.72
CA THR A 203 -19.62 -17.25 -23.53
C THR A 203 -18.18 -16.98 -23.08
N CYS A 204 -18.01 -16.63 -21.81
CA CYS A 204 -16.67 -16.29 -21.30
C CYS A 204 -15.66 -17.41 -21.50
N LEU A 205 -16.03 -18.61 -21.06
CA LEU A 205 -15.21 -19.80 -21.25
C LEU A 205 -14.79 -19.96 -22.73
N HIS A 206 -15.79 -19.89 -23.63
CA HIS A 206 -15.54 -19.92 -25.08
C HIS A 206 -14.52 -18.89 -25.51
N ARG A 207 -14.67 -17.66 -25.01
CA ARG A 207 -13.71 -16.60 -25.31
C ARG A 207 -12.31 -16.81 -24.72
N ILE A 208 -12.21 -17.44 -23.54
CA ILE A 208 -10.91 -17.82 -22.98
C ILE A 208 -10.22 -18.79 -23.92
N TYR A 209 -10.99 -19.77 -24.41
CA TYR A 209 -10.58 -20.65 -25.50
C TYR A 209 -9.98 -19.79 -26.60
N LEU A 210 -10.82 -18.99 -27.27
CA LEU A 210 -10.40 -18.16 -28.42
C LEU A 210 -9.14 -17.34 -28.17
N ARG A 211 -9.06 -16.68 -27.03
CA ARG A 211 -7.85 -15.93 -26.64
C ARG A 211 -6.60 -16.83 -26.57
N GLY A 212 -6.82 -18.13 -26.34
CA GLY A 212 -5.77 -19.16 -26.35
C GLY A 212 -4.52 -18.90 -25.51
N ARG A 213 -4.69 -18.16 -24.42
CA ARG A 213 -3.60 -17.83 -23.51
C ARG A 213 -3.41 -19.03 -22.57
N ASN A 214 -2.31 -19.75 -22.76
CA ASN A 214 -2.05 -21.05 -22.11
C ASN A 214 -2.56 -21.19 -20.67
N GLU A 215 -2.00 -20.36 -19.78
CA GLU A 215 -2.26 -20.36 -18.33
C GLU A 215 -3.74 -20.31 -18.02
N GLU A 216 -4.53 -19.79 -18.95
CA GLU A 216 -5.97 -19.62 -18.74
C GLU A 216 -6.82 -20.86 -19.06
N GLN A 217 -6.25 -21.84 -19.76
CA GLN A 217 -7.07 -22.90 -20.38
C GLN A 217 -7.67 -23.92 -19.40
N GLY A 218 -7.33 -23.82 -18.12
CA GLY A 218 -7.82 -24.74 -17.11
C GLY A 218 -8.92 -24.14 -16.25
N ILE A 219 -9.17 -22.84 -16.43
CA ILE A 219 -10.21 -22.14 -15.69
C ILE A 219 -11.57 -22.83 -15.92
N PRO A 220 -12.18 -23.37 -14.85
CA PRO A 220 -13.42 -24.14 -15.07
C PRO A 220 -14.63 -23.23 -15.13
N LEU A 221 -15.71 -23.73 -15.71
CA LEU A 221 -16.98 -23.01 -15.81
C LEU A 221 -17.44 -22.57 -14.43
N GLU A 222 -17.27 -23.45 -13.45
CA GLU A 222 -17.73 -23.25 -12.07
C GLU A 222 -17.04 -22.03 -11.42
N TYR A 223 -15.85 -21.67 -11.92
CA TYR A 223 -15.13 -20.49 -11.43
C TYR A 223 -15.71 -19.22 -12.05
N LEU A 224 -15.98 -19.27 -13.35
CA LEU A 224 -16.51 -18.13 -14.08
C LEU A 224 -17.92 -17.78 -13.61
N GLU A 225 -18.61 -18.77 -13.04
CA GLU A 225 -19.96 -18.63 -12.50
C GLU A 225 -20.00 -17.95 -11.12
N LYS A 226 -18.94 -18.12 -10.34
CA LYS A 226 -18.80 -17.40 -9.07
C LYS A 226 -18.63 -15.94 -9.36
N LEU A 227 -17.68 -15.64 -10.25
CA LEU A 227 -17.42 -14.26 -10.66
C LEU A 227 -18.66 -13.61 -11.25
N HIS A 228 -19.33 -14.35 -12.14
CA HIS A 228 -20.57 -13.90 -12.77
C HIS A 228 -21.63 -13.55 -11.71
N TYR A 229 -21.84 -14.43 -10.74
CA TYR A 229 -22.76 -14.18 -9.60
C TYR A 229 -22.32 -12.93 -8.84
N LYS A 230 -21.01 -12.81 -8.65
CA LYS A 230 -20.42 -11.63 -8.01
C LYS A 230 -20.75 -10.34 -8.78
N HIS A 231 -20.50 -10.35 -10.09
CA HIS A 231 -20.79 -9.19 -10.95
C HIS A 231 -22.28 -8.85 -10.94
N GLU A 232 -23.12 -9.83 -11.28
CA GLU A 232 -24.59 -9.74 -11.15
C GLU A 232 -25.05 -9.09 -9.83
N SER A 233 -24.61 -9.64 -8.71
CA SER A 233 -24.91 -9.04 -7.42
C SER A 233 -24.51 -7.56 -7.37
N TRP A 234 -23.32 -7.25 -7.88
CA TRP A 234 -22.73 -5.93 -7.69
C TRP A 234 -23.34 -4.87 -8.60
N LEU A 235 -23.45 -5.20 -9.88
CA LEU A 235 -23.89 -4.19 -10.86
C LEU A 235 -25.32 -4.35 -11.37
N LEU A 236 -25.94 -5.52 -11.17
CA LEU A 236 -27.33 -5.73 -11.65
C LEU A 236 -28.39 -5.60 -10.56
N HIS A 237 -28.22 -6.35 -9.46
CA HIS A 237 -29.16 -6.34 -8.33
C HIS A 237 -28.79 -5.23 -7.36
N ARG A 238 -27.56 -4.72 -7.51
CA ARG A 238 -27.01 -3.66 -6.65
C ARG A 238 -27.12 -3.95 -5.13
N THR A 239 -26.96 -5.24 -4.80
CA THR A 239 -27.00 -5.74 -3.43
C THR A 239 -25.65 -5.68 -2.72
N LEU A 240 -24.58 -5.83 -3.50
CA LEU A 240 -23.24 -5.81 -2.93
C LEU A 240 -22.93 -4.44 -2.35
N LYS A 241 -22.99 -4.37 -1.02
CA LYS A 241 -22.75 -3.16 -0.23
C LYS A 241 -21.26 -3.00 0.03
N THR A 242 -20.73 -1.88 -0.45
CA THR A 242 -19.30 -1.63 -0.39
C THR A 242 -19.03 -0.56 0.64
N ASN A 243 -17.77 -0.21 0.78
CA ASN A 243 -17.34 0.80 1.72
C ASN A 243 -17.16 2.17 1.03
N PHE A 244 -17.72 2.30 -0.17
CA PHE A 244 -17.62 3.55 -0.91
C PHE A 244 -19.03 3.93 -1.28
N ASP A 245 -19.53 4.96 -0.61
CA ASP A 245 -20.96 5.26 -0.51
C ASP A 245 -21.57 5.74 -1.81
N TYR A 246 -20.82 6.57 -2.50
CA TYR A 246 -21.23 7.11 -3.78
C TYR A 246 -21.49 6.01 -4.81
N LEU A 247 -20.86 4.84 -4.61
CA LEU A 247 -21.10 3.67 -5.45
C LEU A 247 -22.56 3.30 -5.59
N GLN A 248 -23.34 3.56 -4.55
CA GLN A 248 -24.75 3.14 -4.51
C GLN A 248 -25.62 3.99 -5.44
N GLU A 249 -25.05 5.12 -5.85
CA GLU A 249 -25.71 6.10 -6.72
C GLU A 249 -25.06 6.16 -8.10
N VAL A 250 -23.88 5.58 -8.26
CA VAL A 250 -23.23 5.52 -9.59
C VAL A 250 -24.13 4.87 -10.69
N PRO A 251 -24.36 5.60 -11.79
CA PRO A 251 -25.08 5.07 -12.92
C PRO A 251 -24.35 3.90 -13.53
N ILE A 252 -25.07 2.82 -13.81
CA ILE A 252 -24.51 1.65 -14.48
C ILE A 252 -25.16 1.51 -15.86
N LEU A 253 -24.36 1.20 -16.87
CA LEU A 253 -24.87 0.74 -18.15
C LEU A 253 -24.58 -0.75 -18.33
N THR A 254 -25.63 -1.52 -18.50
CA THR A 254 -25.48 -2.94 -18.72
C THR A 254 -25.66 -3.25 -20.18
N LEU A 255 -24.62 -3.83 -20.75
CA LEU A 255 -24.55 -4.14 -22.15
C LEU A 255 -24.38 -5.65 -22.32
N ASP A 256 -25.26 -6.24 -23.12
CA ASP A 256 -25.19 -7.65 -23.47
C ASP A 256 -24.13 -7.83 -24.52
N VAL A 257 -23.10 -8.60 -24.20
CA VAL A 257 -22.04 -8.85 -25.17
C VAL A 257 -21.91 -10.32 -25.46
N ASN A 258 -23.03 -11.02 -25.34
CA ASN A 258 -23.07 -12.44 -25.66
C ASN A 258 -22.79 -12.62 -27.14
N GLU A 259 -23.45 -11.84 -27.96
CA GLU A 259 -23.23 -11.89 -29.39
C GLU A 259 -21.95 -11.12 -29.73
N ASP A 260 -21.08 -11.76 -30.51
CA ASP A 260 -19.85 -11.14 -31.01
C ASP A 260 -20.10 -9.70 -31.51
N PHE A 261 -19.21 -8.79 -31.13
CA PHE A 261 -19.38 -7.38 -31.47
C PHE A 261 -18.17 -6.78 -32.20
N LYS A 262 -17.13 -7.58 -32.39
CA LYS A 262 -15.88 -7.15 -33.05
C LYS A 262 -16.05 -6.42 -34.38
N ASP A 263 -17.00 -6.86 -35.20
CA ASP A 263 -17.26 -6.21 -36.49
C ASP A 263 -18.63 -5.56 -36.53
N LYS A 264 -19.34 -5.60 -35.41
CA LYS A 264 -20.70 -5.12 -35.36
C LYS A 264 -20.90 -4.56 -33.98
N TYR A 265 -20.48 -3.32 -33.79
CA TYR A 265 -20.58 -2.71 -32.46
C TYR A 265 -21.26 -1.35 -32.38
N GLU A 266 -21.89 -0.92 -33.47
CA GLU A 266 -22.47 0.42 -33.48
C GLU A 266 -23.54 0.61 -32.42
N SER A 267 -24.41 -0.37 -32.24
CA SER A 267 -25.43 -0.21 -31.18
C SER A 267 -24.86 -0.20 -29.76
N LEU A 268 -23.74 -0.90 -29.51
CA LEU A 268 -23.06 -0.80 -28.20
C LEU A 268 -22.48 0.62 -28.00
N VAL A 269 -21.81 1.11 -29.02
CA VAL A 269 -21.35 2.48 -28.98
C VAL A 269 -22.49 3.50 -28.83
N GLU A 270 -23.60 3.30 -29.53
CA GLU A 270 -24.72 4.25 -29.36
C GLU A 270 -25.24 4.28 -27.93
N LYS A 271 -25.31 3.12 -27.30
CA LYS A 271 -25.75 3.04 -25.91
C LYS A 271 -24.76 3.72 -24.94
N VAL A 272 -23.47 3.52 -25.17
CA VAL A 272 -22.41 4.26 -24.49
C VAL A 272 -22.60 5.77 -24.60
N LYS A 273 -22.67 6.28 -25.84
CA LYS A 273 -22.83 7.71 -26.08
C LYS A 273 -24.06 8.28 -25.39
N GLU A 274 -25.18 7.61 -25.56
CA GLU A 274 -26.42 8.05 -24.91
C GLU A 274 -26.23 8.09 -23.40
N PHE A 275 -25.71 6.99 -22.84
CA PHE A 275 -25.28 6.91 -21.44
C PHE A 275 -24.41 8.09 -21.01
N LEU A 276 -23.28 8.28 -21.68
CA LEU A 276 -22.37 9.41 -21.38
C LEU A 276 -23.10 10.76 -21.28
N SER A 277 -24.08 11.00 -22.15
CA SER A 277 -24.77 12.31 -22.17
C SER A 277 -25.75 12.50 -21.02
N THR A 278 -25.83 11.53 -20.13
CA THR A 278 -26.71 11.63 -18.98
C THR A 278 -25.87 11.89 -17.72
N LEU A 279 -24.55 11.68 -17.84
CA LEU A 279 -23.65 11.81 -16.70
C LEU A 279 -23.21 13.26 -16.49
N THR B 38 4.32 22.62 5.90
CA THR B 38 4.25 22.41 7.39
C THR B 38 5.12 23.40 8.18
N ARG B 39 4.55 23.91 9.27
CA ARG B 39 5.23 24.77 10.24
C ARG B 39 5.60 24.01 11.52
N ILE B 40 5.19 22.74 11.57
CA ILE B 40 5.53 21.81 12.62
C ILE B 40 6.88 21.17 12.28
N LYS B 41 7.77 21.05 13.26
CA LYS B 41 9.06 20.40 13.05
C LYS B 41 8.90 18.93 13.37
N LYS B 42 9.26 18.08 12.41
CA LYS B 42 9.21 16.63 12.59
C LYS B 42 10.61 16.05 12.75
N ILE B 43 10.80 15.43 13.91
CA ILE B 43 12.03 14.77 14.28
C ILE B 43 11.76 13.30 14.52
N SER B 44 12.51 12.42 13.86
CA SER B 44 12.37 11.01 14.17
C SER B 44 13.39 10.64 15.19
N ILE B 45 13.03 9.70 16.05
CA ILE B 45 13.97 9.11 16.95
C ILE B 45 14.28 7.71 16.44
N GLU B 46 15.56 7.47 16.11
CA GLU B 46 16.01 6.22 15.56
C GLU B 46 16.89 5.46 16.54
N GLY B 47 17.12 4.19 16.24
CA GLY B 47 17.93 3.35 17.12
C GLY B 47 17.54 1.91 17.26
N ASN B 48 18.49 1.14 17.74
CA ASN B 48 18.37 -0.30 17.82
C ASN B 48 17.21 -0.75 18.72
N ILE B 49 16.78 -1.99 18.52
CA ILE B 49 15.70 -2.54 19.34
C ILE B 49 16.14 -2.41 20.79
N ALA B 50 15.24 -1.93 21.64
CA ALA B 50 15.50 -1.84 23.08
C ALA B 50 16.52 -0.77 23.50
N ALA B 51 16.96 0.08 22.57
CA ALA B 51 17.94 1.13 22.89
C ALA B 51 17.41 2.20 23.85
N GLY B 52 16.10 2.42 23.87
CA GLY B 52 15.52 3.38 24.80
C GLY B 52 14.51 4.34 24.21
N LYS B 53 14.18 4.16 22.94
CA LYS B 53 13.38 5.12 22.17
C LYS B 53 12.04 5.40 22.83
N SER B 54 11.28 4.34 23.12
CA SER B 54 9.98 4.44 23.75
C SER B 54 10.08 5.24 25.04
N THR B 55 11.09 4.91 25.85
CA THR B 55 11.36 5.57 27.12
C THR B 55 11.67 7.06 26.93
N PHE B 56 12.62 7.35 26.06
CA PHE B 56 12.97 8.72 25.76
C PHE B 56 11.79 9.47 25.14
N VAL B 57 11.09 8.84 24.21
CA VAL B 57 9.98 9.51 23.57
C VAL B 57 8.86 9.98 24.53
N ASN B 58 8.56 9.18 25.56
CA ASN B 58 7.55 9.52 26.58
C ASN B 58 8.07 10.52 27.62
N ILE B 59 9.36 10.45 27.91
CA ILE B 59 10.04 11.52 28.62
C ILE B 59 9.78 12.87 27.94
N LEU B 60 10.10 12.98 26.64
CA LEU B 60 9.97 14.24 25.89
C LEU B 60 8.55 14.77 25.93
N LYS B 61 7.60 13.92 25.53
CA LYS B 61 6.17 14.26 25.55
C LYS B 61 5.79 15.23 26.68
N GLN B 62 6.29 14.92 27.87
CA GLN B 62 5.84 15.56 29.10
C GLN B 62 6.43 16.91 29.40
N LEU B 63 7.50 17.25 28.71
CA LEU B 63 8.33 18.39 29.08
C LEU B 63 7.82 19.65 28.44
N SER B 64 6.87 19.51 27.54
CA SER B 64 6.34 20.67 26.83
C SER B 64 5.02 20.35 26.17
N GLU B 65 4.21 21.39 26.09
CA GLU B 65 2.89 21.41 25.50
C GLU B 65 3.05 21.57 24.01
N ASP B 66 4.21 22.07 23.62
CA ASP B 66 4.61 22.24 22.24
C ASP B 66 5.22 20.94 21.67
N TRP B 67 5.40 19.94 22.53
CA TRP B 67 6.09 18.74 22.15
C TRP B 67 5.14 17.58 22.14
N GLU B 68 5.13 16.85 21.02
CA GLU B 68 4.13 15.83 20.80
C GLU B 68 4.71 14.58 20.12
N VAL B 69 4.18 13.42 20.45
CA VAL B 69 4.75 12.16 20.00
C VAL B 69 3.84 11.31 19.10
N VAL B 70 4.45 10.67 18.08
CA VAL B 70 3.78 9.57 17.35
C VAL B 70 4.45 8.23 17.69
N PRO B 71 3.85 7.44 18.60
CA PRO B 71 4.44 6.15 18.94
C PRO B 71 4.41 5.24 17.72
N GLU B 72 5.37 4.32 17.64
CA GLU B 72 5.46 3.41 16.52
C GLU B 72 4.27 2.46 16.55
N PRO B 73 3.52 2.34 15.43
CA PRO B 73 2.30 1.54 15.44
C PRO B 73 2.54 0.11 15.91
N VAL B 74 3.63 -0.51 15.45
CA VAL B 74 3.92 -1.88 15.79
C VAL B 74 4.16 -2.06 17.29
N ALA B 75 4.63 -1.00 17.94
CA ALA B 75 4.77 -0.98 19.40
C ALA B 75 3.43 -1.29 20.03
N ARG B 76 2.41 -0.53 19.61
CA ARG B 76 1.03 -0.72 20.02
C ARG B 76 0.66 -2.20 19.97
N TRP B 77 0.74 -2.77 18.77
CA TRP B 77 0.36 -4.17 18.49
C TRP B 77 0.86 -5.22 19.49
N SER B 78 2.09 -5.03 19.97
CA SER B 78 2.81 -6.04 20.76
C SER B 78 2.00 -6.62 21.95
N ASN B 79 1.62 -5.78 22.89
CA ASN B 79 0.95 -6.20 24.14
C ASN B 79 -0.45 -6.83 23.94
N VAL B 80 -1.18 -7.05 25.04
CA VAL B 80 -2.57 -7.55 24.98
C VAL B 80 -3.44 -6.92 26.09
N GLN B 81 -3.59 -7.65 27.20
CA GLN B 81 -4.52 -7.30 28.31
C GLN B 81 -5.92 -6.91 27.81
N LEU B 90 -9.90 -4.12 20.93
CA LEU B 90 -9.94 -4.86 19.66
C LEU B 90 -10.23 -3.97 18.45
N THR B 91 -9.53 -2.84 18.34
CA THR B 91 -9.37 -2.11 17.08
C THR B 91 -8.85 -2.99 15.94
N MET B 92 -9.37 -2.73 14.74
CA MET B 92 -9.03 -3.53 13.56
C MET B 92 -7.56 -3.53 13.17
N GLU B 93 -6.88 -2.38 13.27
CA GLU B 93 -5.45 -2.35 12.96
C GLU B 93 -4.71 -3.27 13.93
N GLN B 94 -5.17 -3.25 15.18
CA GLN B 94 -4.48 -3.97 16.23
C GLN B 94 -4.74 -5.46 16.23
N LYS B 95 -5.92 -5.86 15.77
CA LYS B 95 -6.18 -7.27 15.52
C LYS B 95 -5.28 -7.75 14.37
N ASN B 96 -5.31 -7.02 13.25
CA ASN B 96 -4.41 -7.27 12.11
C ASN B 96 -2.96 -7.32 12.58
N GLY B 97 -2.55 -6.27 13.29
CA GLY B 97 -1.15 -6.07 13.65
C GLY B 97 -0.62 -7.15 14.58
N GLY B 98 -1.44 -7.51 15.55
CA GLY B 98 -1.13 -8.63 16.43
C GLY B 98 -0.98 -9.91 15.64
N ASN B 99 -1.89 -10.17 14.72
CA ASN B 99 -1.89 -11.43 14.00
C ASN B 99 -0.67 -11.54 13.15
N VAL B 100 -0.42 -10.51 12.33
CA VAL B 100 0.72 -10.57 11.43
C VAL B 100 2.06 -10.54 12.19
N LEU B 101 2.08 -9.88 13.33
CA LEU B 101 3.31 -9.79 14.14
C LEU B 101 3.71 -11.15 14.71
N GLN B 102 2.73 -11.92 15.14
CA GLN B 102 2.98 -13.25 15.67
C GLN B 102 3.26 -14.25 14.54
N MET B 103 2.60 -14.08 13.39
CA MET B 103 2.92 -14.88 12.20
C MET B 103 4.35 -14.58 11.77
N MET B 104 4.78 -13.34 11.96
CA MET B 104 6.18 -12.94 11.70
C MET B 104 7.17 -13.73 12.52
N TYR B 105 6.93 -13.80 13.83
CA TYR B 105 7.78 -14.61 14.69
C TYR B 105 7.79 -16.09 14.30
N GLU B 106 6.65 -16.58 13.81
CA GLU B 106 6.54 -17.99 13.49
C GLU B 106 7.12 -18.34 12.12
N LYS B 107 7.13 -17.41 11.17
CA LYS B 107 7.52 -17.69 9.79
C LYS B 107 7.79 -16.41 8.99
N PRO B 108 8.96 -15.77 9.22
CA PRO B 108 9.31 -14.49 8.58
C PRO B 108 9.38 -14.52 7.04
N GLU B 109 9.67 -15.67 6.46
CA GLU B 109 9.88 -15.77 5.01
C GLU B 109 8.56 -15.81 4.24
N ARG B 110 7.46 -15.90 4.99
CA ARG B 110 6.13 -15.91 4.47
C ARG B 110 5.42 -14.60 4.81
N TRP B 111 5.81 -13.97 5.93
CA TRP B 111 5.07 -12.79 6.39
C TRP B 111 5.82 -11.46 6.41
N SER B 112 7.12 -11.46 6.08
CA SER B 112 7.93 -10.20 6.09
C SER B 112 7.35 -9.14 5.17
N PHE B 113 6.93 -9.53 3.97
CA PHE B 113 6.40 -8.53 3.04
C PHE B 113 5.09 -7.93 3.57
N THR B 114 4.19 -8.77 4.06
CA THR B 114 2.90 -8.33 4.53
C THR B 114 3.08 -7.52 5.81
N PHE B 115 3.97 -7.98 6.67
CA PHE B 115 4.17 -7.27 7.92
C PHE B 115 4.71 -5.89 7.67
N GLN B 116 5.70 -5.82 6.79
CA GLN B 116 6.42 -4.60 6.59
C GLN B 116 5.59 -3.63 5.74
N THR B 117 4.73 -4.17 4.87
CA THR B 117 3.79 -3.30 4.13
C THR B 117 2.82 -2.62 5.13
N TYR B 118 2.26 -3.41 6.04
CA TYR B 118 1.25 -2.92 6.98
C TYR B 118 1.83 -2.07 8.10
N ALA B 119 3.01 -2.45 8.60
CA ALA B 119 3.71 -1.66 9.59
C ALA B 119 3.93 -0.27 9.03
N CYS B 120 4.36 -0.21 7.77
CA CYS B 120 4.63 1.08 7.15
C CYS B 120 3.37 1.95 6.90
N LEU B 121 2.32 1.38 6.33
CA LEU B 121 1.08 2.13 6.09
C LEU B 121 0.52 2.71 7.38
N SER B 122 0.63 1.92 8.45
CA SER B 122 0.15 2.26 9.75
C SER B 122 0.88 3.46 10.35
N ARG B 123 2.19 3.49 10.13
CA ARG B 123 3.07 4.59 10.50
C ARG B 123 2.68 5.84 9.72
N ILE B 124 2.57 5.70 8.40
CA ILE B 124 2.28 6.87 7.54
C ILE B 124 0.98 7.53 7.96
N ARG B 125 -0.02 6.72 8.28
CA ARG B 125 -1.31 7.26 8.62
C ARG B 125 -1.37 7.80 10.04
N ALA B 126 -0.67 7.12 10.96
CA ALA B 126 -0.52 7.63 12.33
C ALA B 126 0.23 8.97 12.36
N GLN B 127 1.29 9.10 11.57
CA GLN B 127 2.00 10.39 11.49
C GLN B 127 1.19 11.49 10.81
N LEU B 128 0.51 11.18 9.70
CA LEU B 128 -0.45 12.13 9.10
C LEU B 128 -1.53 12.60 10.08
N ALA B 129 -2.07 11.66 10.85
CA ALA B 129 -3.12 11.96 11.82
C ALA B 129 -2.69 13.05 12.80
N SER B 130 -1.49 12.88 13.35
CA SER B 130 -0.92 13.84 14.29
C SER B 130 -0.45 15.12 13.60
N LEU B 131 0.07 15.01 12.38
CA LEU B 131 0.56 16.19 11.68
C LEU B 131 -0.57 17.19 11.47
N ASN B 132 -1.77 16.64 11.27
CA ASN B 132 -2.96 17.39 10.92
C ASN B 132 -3.92 17.70 12.06
N GLY B 133 -3.75 17.06 13.22
CA GLY B 133 -4.69 17.21 14.31
C GLY B 133 -4.07 17.69 15.60
N LYS B 134 -2.76 17.91 15.57
CA LYS B 134 -2.06 18.29 16.79
C LYS B 134 -1.27 19.57 16.62
N LEU B 135 -0.94 20.20 17.75
CA LEU B 135 -0.01 21.33 17.79
C LEU B 135 -0.44 22.49 16.88
N LYS B 136 -1.73 22.78 16.88
CA LYS B 136 -2.21 23.91 16.08
C LYS B 136 -2.00 25.27 16.77
N ASP B 137 -2.31 25.33 18.06
CA ASP B 137 -2.08 26.56 18.85
C ASP B 137 -0.62 26.74 19.35
N ALA B 138 0.26 25.78 19.09
CA ALA B 138 1.62 25.86 19.63
C ALA B 138 2.52 26.81 18.85
N GLU B 139 3.33 27.58 19.58
CA GLU B 139 4.24 28.56 18.99
C GLU B 139 5.56 27.96 18.46
N LYS B 140 6.12 27.03 19.23
CA LYS B 140 7.26 26.22 18.74
C LYS B 140 6.86 24.76 18.62
N PRO B 141 6.06 24.38 17.61
CA PRO B 141 5.57 22.99 17.56
C PRO B 141 6.57 21.94 17.04
N VAL B 142 6.84 20.93 17.87
CA VAL B 142 7.66 19.80 17.48
C VAL B 142 6.95 18.45 17.60
N LEU B 143 7.01 17.68 16.53
CA LEU B 143 6.50 16.31 16.49
C LEU B 143 7.64 15.28 16.50
N PHE B 144 7.65 14.44 17.52
CA PHE B 144 8.65 13.39 17.61
C PHE B 144 8.04 12.12 17.14
N PHE B 145 8.61 11.56 16.06
CA PHE B 145 8.19 10.26 15.51
C PHE B 145 9.08 9.21 16.11
N GLU B 146 8.51 8.19 16.74
CA GLU B 146 9.31 7.05 17.09
C GLU B 146 9.58 6.24 15.82
N ARG B 147 10.83 6.29 15.39
CA ARG B 147 11.30 5.66 14.15
C ARG B 147 10.65 6.34 12.95
N SER B 148 10.92 5.85 11.75
CA SER B 148 10.34 6.48 10.58
C SER B 148 10.13 5.49 9.42
N VAL B 149 9.59 5.98 8.30
CA VAL B 149 9.45 5.17 7.10
C VAL B 149 10.81 4.81 6.49
N TYR B 150 11.87 5.51 6.92
CA TYR B 150 13.22 5.27 6.42
C TYR B 150 13.86 4.08 7.11
N SER B 151 13.67 3.99 8.42
CA SER B 151 14.14 2.79 9.12
C SER B 151 13.28 1.55 8.78
N ASP B 152 11.99 1.76 8.47
CA ASP B 152 11.12 0.67 8.01
C ASP B 152 11.80 -0.05 6.82
N ARG B 153 12.16 0.74 5.81
CA ARG B 153 12.83 0.28 4.59
C ARG B 153 14.32 -0.08 4.75
N TYR B 154 15.12 0.90 5.17
CA TYR B 154 16.59 0.79 5.12
C TYR B 154 17.26 0.06 6.29
N ILE B 155 16.49 -0.27 7.30
CA ILE B 155 16.99 -1.04 8.41
C ILE B 155 16.25 -2.37 8.44
N PHE B 156 14.94 -2.31 8.68
CA PHE B 156 14.16 -3.52 8.95
C PHE B 156 13.83 -4.35 7.73
N ALA B 157 13.30 -3.71 6.69
CA ALA B 157 12.91 -4.42 5.47
C ALA B 157 14.16 -4.95 4.79
N SER B 158 15.13 -4.05 4.58
CA SER B 158 16.43 -4.41 4.07
C SER B 158 17.02 -5.62 4.81
N ASN B 159 17.07 -5.58 6.14
CA ASN B 159 17.52 -6.73 6.91
C ASN B 159 16.80 -8.02 6.46
N LEU B 160 15.47 -7.98 6.42
CA LEU B 160 14.65 -9.14 6.09
C LEU B 160 14.97 -9.67 4.69
N TYR B 161 15.19 -8.75 3.77
CA TYR B 161 15.57 -9.15 2.46
C TYR B 161 16.95 -9.86 2.49
N GLU B 162 17.92 -9.30 3.23
CA GLU B 162 19.25 -9.90 3.42
C GLU B 162 19.19 -11.21 4.19
N SER B 163 18.19 -11.38 5.04
CA SER B 163 17.96 -12.68 5.68
C SER B 163 17.27 -13.66 4.75
N GLU B 164 16.93 -13.20 3.54
CA GLU B 164 16.13 -14.01 2.62
C GLU B 164 14.71 -14.29 3.13
N SER B 165 14.19 -13.44 4.02
CA SER B 165 12.78 -13.50 4.39
C SER B 165 11.91 -12.84 3.34
N MET B 166 12.51 -12.00 2.53
CA MET B 166 11.86 -11.46 1.35
C MET B 166 12.71 -11.85 0.17
N ASN B 167 12.07 -12.38 -0.87
CA ASN B 167 12.77 -12.65 -2.10
C ASN B 167 12.89 -11.37 -2.95
N GLU B 168 13.67 -11.43 -4.02
CA GLU B 168 13.85 -10.27 -4.90
C GLU B 168 12.57 -9.55 -5.38
N THR B 169 11.50 -10.31 -5.60
CA THR B 169 10.24 -9.75 -6.11
C THR B 169 9.56 -8.97 -5.00
N GLU B 170 9.41 -9.61 -3.84
CA GLU B 170 8.84 -8.94 -2.68
C GLU B 170 9.66 -7.71 -2.33
N TRP B 171 10.99 -7.83 -2.38
CA TRP B 171 11.84 -6.68 -2.01
C TRP B 171 11.67 -5.54 -3.01
N THR B 172 11.66 -5.89 -4.29
CA THR B 172 11.50 -4.89 -5.34
C THR B 172 10.11 -4.24 -5.31
N ILE B 173 9.09 -5.04 -4.99
CA ILE B 173 7.71 -4.56 -4.94
C ILE B 173 7.53 -3.66 -3.74
N TYR B 174 8.19 -4.03 -2.65
CA TYR B 174 8.14 -3.23 -1.44
C TYR B 174 8.76 -1.86 -1.66
N GLN B 175 10.00 -1.83 -2.17
CA GLN B 175 10.67 -0.52 -2.28
C GLN B 175 9.91 0.40 -3.19
N ASP B 176 9.36 -0.17 -4.26
CA ASP B 176 8.58 0.58 -5.24
C ASP B 176 7.32 1.13 -4.57
N TRP B 177 6.59 0.25 -3.90
CA TRP B 177 5.42 0.70 -3.16
C TRP B 177 5.84 1.77 -2.17
N HIS B 178 6.96 1.56 -1.47
CA HIS B 178 7.49 2.53 -0.51
C HIS B 178 7.82 3.82 -1.21
N ASP B 179 8.60 3.72 -2.29
CA ASP B 179 8.95 4.90 -3.10
C ASP B 179 7.68 5.69 -3.37
N TRP B 180 6.71 5.03 -4.01
CA TRP B 180 5.44 5.65 -4.44
C TRP B 180 4.55 6.19 -3.29
N MET B 181 4.26 5.36 -2.29
CA MET B 181 3.56 5.79 -1.06
C MET B 181 4.13 7.13 -0.54
N ASN B 182 5.44 7.21 -0.41
CA ASN B 182 6.12 8.40 0.14
C ASN B 182 6.31 9.55 -0.84
N ASN B 183 6.46 9.23 -2.13
CA ASN B 183 6.49 10.25 -3.18
C ASN B 183 5.21 11.08 -3.14
N GLN B 184 4.09 10.44 -2.86
CA GLN B 184 2.82 11.13 -2.77
C GLN B 184 2.60 11.67 -1.35
N PHE B 185 2.65 10.78 -0.35
CA PHE B 185 2.20 11.11 1.02
C PHE B 185 3.24 11.61 1.98
N GLY B 186 4.51 11.33 1.70
CA GLY B 186 5.60 11.69 2.62
C GLY B 186 5.89 13.17 2.71
N GLN B 187 5.37 13.94 1.76
CA GLN B 187 5.73 15.35 1.56
C GLN B 187 5.62 16.20 2.83
N SER B 188 4.58 15.96 3.61
CA SER B 188 4.40 16.63 4.91
C SER B 188 5.04 15.84 6.04
N LEU B 189 5.72 14.77 5.66
CA LEU B 189 6.38 13.91 6.61
C LEU B 189 7.89 14.04 6.54
N GLU B 190 8.42 14.66 5.50
CA GLU B 190 9.86 14.86 5.41
C GLU B 190 10.39 15.37 6.74
N LEU B 191 11.36 14.64 7.30
CA LEU B 191 11.95 14.96 8.59
C LEU B 191 12.85 16.18 8.52
N ASP B 192 12.72 17.04 9.55
CA ASP B 192 13.62 18.16 9.81
C ASP B 192 14.89 17.77 10.56
N GLY B 193 14.88 16.58 11.12
CA GLY B 193 16.02 16.16 11.91
C GLY B 193 15.80 14.78 12.46
N ILE B 194 16.92 14.13 12.78
CA ILE B 194 16.90 12.80 13.35
C ILE B 194 17.65 12.81 14.66
N ILE B 195 17.16 12.08 15.65
CA ILE B 195 17.92 11.87 16.85
C ILE B 195 18.30 10.40 16.84
N TYR B 196 19.58 10.11 17.07
CA TYR B 196 20.06 8.73 17.06
C TYR B 196 20.43 8.32 18.46
N LEU B 197 19.61 7.47 19.06
CA LEU B 197 19.91 6.93 20.38
C LEU B 197 20.86 5.74 20.20
N GLN B 198 22.12 5.95 20.57
CA GLN B 198 23.18 5.01 20.30
C GLN B 198 23.53 4.17 21.52
N ALA B 199 23.39 2.85 21.36
CA ALA B 199 23.63 1.88 22.43
C ALA B 199 24.32 0.70 21.80
N THR B 200 25.27 0.12 22.52
CA THR B 200 25.90 -1.11 22.06
C THR B 200 24.87 -2.23 22.06
N PRO B 201 25.07 -3.26 21.24
CA PRO B 201 24.12 -4.39 21.21
C PRO B 201 24.00 -5.12 22.57
N GLU B 202 25.08 -5.15 23.35
CA GLU B 202 25.06 -5.69 24.71
C GLU B 202 24.00 -4.98 25.51
N THR B 203 24.18 -3.66 25.65
CA THR B 203 23.17 -2.76 26.23
C THR B 203 21.75 -3.14 25.79
N CYS B 204 21.55 -3.20 24.47
CA CYS B 204 20.23 -3.51 23.89
C CYS B 204 19.70 -4.86 24.35
N LEU B 205 20.51 -5.90 24.20
CA LEU B 205 20.18 -7.24 24.71
C LEU B 205 19.71 -7.18 26.17
N HIS B 206 20.56 -6.61 27.03
CA HIS B 206 20.23 -6.38 28.45
C HIS B 206 18.85 -5.74 28.58
N ARG B 207 18.61 -4.71 27.78
CA ARG B 207 17.34 -4.00 27.83
C ARG B 207 16.15 -4.85 27.34
N ILE B 208 16.37 -5.68 26.31
CA ILE B 208 15.33 -6.65 25.88
C ILE B 208 15.00 -7.60 27.04
N TYR B 209 16.04 -8.04 27.76
CA TYR B 209 15.91 -8.75 29.04
C TYR B 209 14.93 -7.99 29.94
N LEU B 210 15.34 -6.78 30.37
CA LEU B 210 14.57 -5.96 31.30
C LEU B 210 13.11 -5.73 30.86
N ARG B 211 12.90 -5.50 29.57
CA ARG B 211 11.54 -5.31 29.05
C ARG B 211 10.69 -6.58 29.21
N GLY B 212 11.36 -7.73 29.37
CA GLY B 212 10.71 -9.02 29.66
C GLY B 212 9.59 -9.48 28.73
N ARG B 213 9.55 -8.94 27.51
CA ARG B 213 8.50 -9.29 26.55
C ARG B 213 8.86 -10.65 25.95
N ASN B 214 8.07 -11.67 26.31
CA ASN B 214 8.36 -13.08 25.96
C ASN B 214 8.99 -13.32 24.59
N GLU B 215 8.24 -12.99 23.55
CA GLU B 215 8.60 -13.23 22.14
C GLU B 215 10.01 -12.74 21.81
N GLU B 216 10.48 -11.74 22.55
CA GLU B 216 11.75 -11.08 22.26
C GLU B 216 12.97 -11.77 22.86
N GLN B 217 12.74 -12.72 23.77
CA GLN B 217 13.82 -13.22 24.61
C GLN B 217 14.83 -14.13 23.89
N GLY B 218 14.56 -14.45 22.64
CA GLY B 218 15.42 -15.33 21.87
C GLY B 218 16.32 -14.58 20.89
N ILE B 219 16.05 -13.28 20.75
CA ILE B 219 16.84 -12.42 19.87
C ILE B 219 18.34 -12.50 20.25
N PRO B 220 19.17 -13.03 19.33
CA PRO B 220 20.61 -13.18 19.67
C PRO B 220 21.41 -11.90 19.49
N LEU B 221 22.53 -11.81 20.21
CA LEU B 221 23.41 -10.66 20.12
C LEU B 221 23.82 -10.40 18.66
N GLU B 222 24.00 -11.49 17.92
CA GLU B 222 24.46 -11.45 16.54
C GLU B 222 23.46 -10.72 15.61
N TYR B 223 22.18 -10.76 15.98
CA TYR B 223 21.14 -10.05 15.23
C TYR B 223 21.18 -8.54 15.52
N LEU B 224 21.32 -8.20 16.80
CA LEU B 224 21.34 -6.82 17.26
C LEU B 224 22.56 -6.09 16.71
N GLU B 225 23.60 -6.85 16.37
CA GLU B 225 24.84 -6.30 15.82
C GLU B 225 24.76 -6.00 14.33
N LYS B 226 23.89 -6.72 13.61
CA LYS B 226 23.61 -6.40 12.21
C LYS B 226 22.89 -5.08 12.15
N LEU B 227 21.80 -4.97 12.92
CA LEU B 227 21.03 -3.74 13.04
C LEU B 227 21.94 -2.57 13.43
N HIS B 228 22.72 -2.77 14.48
CA HIS B 228 23.63 -1.75 14.94
C HIS B 228 24.58 -1.28 13.82
N TYR B 229 25.17 -2.23 13.08
CA TYR B 229 26.01 -1.91 11.92
C TYR B 229 25.21 -1.11 10.87
N LYS B 230 23.97 -1.52 10.64
CA LYS B 230 23.04 -0.77 9.79
C LYS B 230 22.79 0.67 10.28
N HIS B 231 22.43 0.82 11.54
CA HIS B 231 22.21 2.15 12.11
C HIS B 231 23.48 3.01 12.01
N GLU B 232 24.60 2.47 12.49
CA GLU B 232 25.93 3.12 12.37
C GLU B 232 26.21 3.61 10.96
N SER B 233 26.04 2.71 9.99
CA SER B 233 26.24 3.07 8.59
C SER B 233 25.28 4.18 8.15
N TRP B 234 24.07 4.19 8.70
CA TRP B 234 23.06 5.11 8.20
C TRP B 234 23.14 6.49 8.85
N LEU B 235 23.30 6.52 10.17
CA LEU B 235 23.30 7.81 10.88
C LEU B 235 24.66 8.30 11.44
N LEU B 236 25.69 7.46 11.41
CA LEU B 236 27.00 7.87 11.92
C LEU B 236 28.05 8.14 10.84
N HIS B 237 28.29 7.16 9.95
CA HIS B 237 29.19 7.32 8.81
C HIS B 237 28.49 7.99 7.61
N ARG B 238 27.15 8.04 7.66
CA ARG B 238 26.30 8.56 6.56
C ARG B 238 26.63 8.01 5.15
N THR B 239 26.90 6.70 5.10
CA THR B 239 27.29 6.00 3.88
C THR B 239 26.08 5.36 3.20
N LEU B 240 25.09 4.97 4.00
CA LEU B 240 23.88 4.34 3.50
C LEU B 240 23.12 5.31 2.61
N LYS B 241 23.25 5.10 1.31
CA LYS B 241 22.66 5.94 0.29
C LYS B 241 21.23 5.48 0.02
N THR B 242 20.29 6.40 0.20
CA THR B 242 18.87 6.10 0.11
C THR B 242 18.29 6.77 -1.13
N ASN B 243 17.01 6.53 -1.37
CA ASN B 243 16.30 7.09 -2.50
C ASN B 243 15.61 8.40 -2.13
N PHE B 244 15.98 8.99 -1.00
CA PHE B 244 15.38 10.25 -0.58
C PHE B 244 16.53 11.20 -0.32
N ASP B 245 16.72 12.11 -1.25
CA ASP B 245 17.93 12.91 -1.40
C ASP B 245 18.18 13.86 -0.24
N TYR B 246 17.10 14.50 0.22
CA TYR B 246 17.16 15.42 1.34
C TYR B 246 17.71 14.75 2.63
N LEU B 247 17.66 13.42 2.69
CA LEU B 247 18.21 12.65 3.81
C LEU B 247 19.72 12.85 3.98
N GLN B 248 20.41 13.19 2.90
CA GLN B 248 21.87 13.36 2.92
C GLN B 248 22.26 14.64 3.65
N GLU B 249 21.29 15.54 3.77
CA GLU B 249 21.51 16.85 4.39
C GLU B 249 20.76 16.99 5.74
N VAL B 250 19.86 16.03 6.03
CA VAL B 250 19.16 16.03 7.31
C VAL B 250 20.14 16.04 8.50
N PRO B 251 19.97 17.00 9.42
CA PRO B 251 20.76 17.05 10.63
C PRO B 251 20.47 15.84 11.51
N ILE B 252 21.53 15.26 12.07
CA ILE B 252 21.40 14.14 12.99
C ILE B 252 21.99 14.52 14.35
N LEU B 253 21.29 14.17 15.42
CA LEU B 253 21.82 14.24 16.76
C LEU B 253 22.08 12.84 17.28
N THR B 254 23.34 12.55 17.59
CA THR B 254 23.68 11.28 18.13
C THR B 254 23.82 11.38 19.63
N LEU B 255 23.06 10.54 20.32
CA LEU B 255 23.01 10.56 21.77
C LEU B 255 23.35 9.18 22.33
N ASP B 256 24.42 9.15 23.13
CA ASP B 256 24.80 7.95 23.84
C ASP B 256 23.81 7.61 24.95
N VAL B 257 23.13 6.47 24.79
CA VAL B 257 22.18 6.07 25.82
C VAL B 257 22.59 4.74 26.45
N ASN B 258 23.91 4.56 26.54
CA ASN B 258 24.49 3.37 27.14
C ASN B 258 24.21 3.36 28.63
N GLU B 259 24.39 4.53 29.25
CA GLU B 259 24.10 4.69 30.66
C GLU B 259 22.61 4.95 30.81
N ASP B 260 21.97 4.22 31.72
CA ASP B 260 20.58 4.50 32.11
C ASP B 260 20.29 6.01 32.20
N PHE B 261 19.12 6.43 31.74
CA PHE B 261 18.71 7.84 31.70
C PHE B 261 17.27 8.05 32.21
N LYS B 262 16.63 6.97 32.65
CA LYS B 262 15.26 7.03 33.20
C LYS B 262 15.01 8.04 34.31
N ASP B 263 15.99 8.21 35.18
CA ASP B 263 15.90 9.16 36.29
C ASP B 263 16.96 10.24 36.16
N LYS B 264 17.74 10.17 35.09
CA LYS B 264 18.83 11.10 34.92
C LYS B 264 18.97 11.43 33.44
N TYR B 265 18.12 12.34 32.95
CA TYR B 265 18.09 12.62 31.51
C TYR B 265 18.28 14.07 31.08
N GLU B 266 18.52 14.96 32.05
CA GLU B 266 18.54 16.39 31.76
C GLU B 266 19.56 16.77 30.70
N SER B 267 20.75 16.15 30.71
CA SER B 267 21.70 16.48 29.64
C SER B 267 21.26 15.97 28.25
N LEU B 268 20.56 14.85 28.19
CA LEU B 268 19.95 14.39 26.90
C LEU B 268 18.92 15.42 26.40
N VAL B 269 18.02 15.83 27.28
CA VAL B 269 17.09 16.88 26.92
C VAL B 269 17.76 18.19 26.55
N GLU B 270 18.79 18.58 27.28
CA GLU B 270 19.52 19.80 26.89
C GLU B 270 20.10 19.75 25.47
N LYS B 271 20.64 18.59 25.11
CA LYS B 271 21.17 18.38 23.76
C LYS B 271 20.07 18.43 22.67
N VAL B 272 18.95 17.75 22.93
CA VAL B 272 17.73 17.85 22.13
C VAL B 272 17.32 19.30 21.90
N LYS B 273 17.17 20.09 22.99
CA LYS B 273 16.74 21.49 22.88
C LYS B 273 17.73 22.33 22.08
N GLU B 274 19.00 22.18 22.37
CA GLU B 274 20.03 22.86 21.59
C GLU B 274 19.94 22.46 20.12
N PHE B 275 19.82 21.16 19.87
CA PHE B 275 19.61 20.64 18.52
C PHE B 275 18.43 21.29 17.83
N LEU B 276 17.28 21.26 18.49
CA LEU B 276 16.03 21.80 17.93
C LEU B 276 16.18 23.27 17.51
N SER B 277 16.96 24.05 18.26
CA SER B 277 17.14 25.47 17.95
C SER B 277 17.99 25.76 16.75
N THR B 278 18.57 24.71 16.17
CA THR B 278 19.42 24.87 15.02
C THR B 278 18.67 24.49 13.76
N LEU B 279 17.50 23.84 13.91
CA LEU B 279 16.70 23.37 12.78
C LEU B 279 15.82 24.47 12.22
N1 UDP C . -13.86 -11.50 -28.53
C2 UDP C . -14.56 -11.80 -29.70
N3 UDP C . -15.60 -10.99 -30.08
C4 UDP C . -15.94 -9.90 -29.31
C5 UDP C . -15.22 -9.61 -28.15
C6 UDP C . -14.34 -10.56 -27.66
O2 UDP C . -14.27 -12.77 -30.38
O4 UDP C . -16.87 -9.18 -29.65
C1' UDP C . -12.72 -12.35 -28.13
C2' UDP C . -11.42 -11.60 -28.31
O2' UDP C . -11.10 -11.45 -29.67
C3' UDP C . -10.51 -12.56 -27.59
C4' UDP C . -11.36 -12.98 -26.39
O4' UDP C . -12.72 -12.76 -26.76
O3' UDP C . -10.26 -13.68 -28.39
C5' UDP C . -10.96 -12.19 -25.14
O5' UDP C . -11.51 -10.89 -25.15
PA UDP C . -10.96 -9.70 -24.23
O1A UDP C . -9.48 -9.68 -24.23
O2A UDP C . -11.49 -8.41 -24.72
O3A UDP C . -11.58 -10.11 -22.80
PB UDP C . -11.36 -9.32 -21.43
O1B UDP C . -10.36 -8.26 -21.69
O2B UDP C . -10.85 -10.23 -20.37
O3B UDP C . -12.66 -8.81 -20.92
N1 UDP D . 15.36 1.12 29.80
C2 UDP D . 15.87 1.57 31.02
N3 UDP D . 16.67 2.68 31.06
C4 UDP D . 16.96 3.37 29.88
C5 UDP D . 16.45 2.91 28.66
C6 UDP D . 15.81 1.69 28.62
O2 UDP D . 15.62 0.96 32.06
O4 UDP D . 17.68 4.36 29.93
C1' UDP D . 14.49 -0.07 29.75
C2' UDP D . 13.10 0.40 29.36
O2' UDP D . 12.37 0.91 30.46
C3' UDP D . 12.50 -0.83 28.69
C4' UDP D . 13.73 -1.54 28.11
O4' UDP D . 14.89 -0.99 28.74
O3' UDP D . 11.85 -1.69 29.61
C5' UDP D . 13.83 -1.36 26.59
O5' UDP D . 13.86 0.01 26.25
PA UDP D . 12.76 0.66 25.28
O1A UDP D . 11.46 -0.05 25.37
O2A UDP D . 12.57 2.10 25.56
O3A UDP D . 13.53 0.35 23.90
PB UDP D . 13.11 0.86 22.44
O1B UDP D . 11.98 1.76 22.61
O2B UDP D . 12.70 -0.28 21.60
O3B UDP D . 14.25 1.56 21.80
#